data_4BIO
#
_entry.id   4BIO
#
_cell.length_a   86.720
_cell.length_b   86.720
_cell.length_c   147.230
_cell.angle_alpha   90.00
_cell.angle_beta   90.00
_cell.angle_gamma   90.00
#
_symmetry.space_group_name_H-M   'P 41 21 2'
#
loop_
_entity.id
_entity.type
_entity.pdbx_description
1 polymer 'HYPOXIA-INDUCIBLE FACTOR 1-ALPHA INHIBITOR'
2 non-polymer 'FE (III) ION'
3 non-polymer '8-hydroxyquinoline-5-carboxylic acid'
4 non-polymer 'SULFATE ION'
5 non-polymer GLYCEROL
6 water water
#
_entity_poly.entity_id   1
_entity_poly.type   'polypeptide(L)'
_entity_poly.pdbx_seq_one_letter_code
;GSHMAATAAEAVASGSGEPREEAGALGPAWDESQLRSYSFPTRPIPRLSQSDPRAEELIENEEPVVLTDTNLVYPALKWD
LEYLQENIGNGDFSVYSASTHKFLYYDEKKMANFQNFKPRSNREEMKFHEFVEKLQDIQQRGGEERLYLQQTLNDTVGRK
IVMDFLGFNWNWINKQQGKRGWGQLTSNLLLIGMEGNVTPAHYDEQQNFFAQIKGYKRCILFPPDQFECLYPYPVHHPCD
RQSQVDFDNPDYERFPNFQNVVGYETVVGPGDVLYIPMYWWHHIESLLNGGITITVNFWYKGAPTPKRIEYPLKAHQKVA
IMRNIEKMLGEALGNPQEVGPLLNTMIKGRYN
;
_entity_poly.pdbx_strand_id   A
#
loop_
_chem_comp.id
_chem_comp.type
_chem_comp.name
_chem_comp.formula
8XQ non-polymer '8-hydroxyquinoline-5-carboxylic acid' 'C10 H7 N O3'
FE non-polymer 'FE (III) ION' 'Fe 3'
GOL non-polymer GLYCEROL 'C3 H8 O3'
SO4 non-polymer 'SULFATE ION' 'O4 S -2'
#
# COMPACT_ATOMS: atom_id res chain seq x y z
N SER A 14 -14.87 -7.01 14.15
CA SER A 14 -15.75 -5.83 13.88
C SER A 14 -15.17 -4.89 12.82
N GLY A 15 -13.84 -4.81 12.78
CA GLY A 15 -13.18 -3.95 11.82
C GLY A 15 -12.25 -2.93 12.48
N SER A 16 -12.49 -1.65 12.22
CA SER A 16 -11.68 -0.58 12.80
C SER A 16 -12.17 -0.20 14.19
N GLY A 17 -13.16 -0.93 14.68
CA GLY A 17 -13.70 -0.69 16.01
C GLY A 17 -14.33 0.68 16.18
N GLU A 18 -14.70 1.00 17.42
CA GLU A 18 -15.33 2.29 17.72
C GLU A 18 -14.36 3.46 17.44
N PRO A 19 -14.84 4.48 16.71
CA PRO A 19 -14.00 5.64 16.38
C PRO A 19 -13.28 6.25 17.58
N ARG A 20 -11.98 6.48 17.45
CA ARG A 20 -11.21 7.05 18.54
C ARG A 20 -11.59 8.50 18.84
N GLU A 21 -11.42 8.90 20.10
CA GLU A 21 -11.73 10.24 20.54
C GLU A 21 -10.49 11.14 20.47
N GLU A 22 -10.60 12.28 19.81
CA GLU A 22 -9.47 13.18 19.72
C GLU A 22 -9.27 13.94 21.03
N ALA A 23 -8.03 14.27 21.33
CA ALA A 23 -7.71 14.98 22.57
C ALA A 23 -8.36 16.36 22.58
N GLY A 24 -8.60 16.88 23.78
CA GLY A 24 -9.21 18.19 23.92
C GLY A 24 -10.70 18.18 23.63
N ALA A 25 -11.32 17.00 23.65
CA ALA A 25 -12.75 16.87 23.40
C ALA A 25 -13.13 17.47 22.04
N LEU A 26 -12.26 17.30 21.05
CA LEU A 26 -12.52 17.83 19.71
C LEU A 26 -13.43 16.91 18.92
N GLY A 27 -14.05 15.97 19.62
CA GLY A 27 -14.97 15.04 18.99
C GLY A 27 -14.32 13.80 18.42
N PRO A 28 -15.12 12.87 17.89
CA PRO A 28 -14.57 11.64 17.32
C PRO A 28 -13.77 11.97 16.05
N ALA A 29 -12.64 11.30 15.90
CA ALA A 29 -11.76 11.51 14.74
C ALA A 29 -12.47 11.28 13.41
N TRP A 30 -13.33 10.28 13.37
CA TRP A 30 -14.07 9.93 12.16
C TRP A 30 -15.30 9.11 12.56
N ASP A 31 -16.16 8.82 11.59
CA ASP A 31 -17.35 8.01 11.88
C ASP A 31 -17.54 6.95 10.79
N GLU A 32 -18.23 5.87 11.15
CA GLU A 32 -18.46 4.76 10.22
C GLU A 32 -18.94 5.10 8.81
N SER A 33 -19.71 6.17 8.66
CA SER A 33 -20.21 6.55 7.34
C SER A 33 -19.10 6.98 6.39
N GLN A 34 -17.89 7.15 6.91
CA GLN A 34 -16.77 7.58 6.08
C GLN A 34 -16.07 6.37 5.45
N LEU A 35 -16.39 5.19 5.96
CA LEU A 35 -15.80 3.95 5.48
C LEU A 35 -16.67 3.32 4.40
N ARG A 36 -16.03 2.79 3.37
CA ARG A 36 -16.72 2.13 2.27
C ARG A 36 -17.22 0.77 2.75
N SER A 37 -18.21 0.20 2.08
CA SER A 37 -18.77 -1.08 2.49
C SER A 37 -18.31 -2.24 1.61
N TYR A 38 -17.95 -3.35 2.26
CA TYR A 38 -17.45 -4.52 1.54
C TYR A 38 -18.10 -5.80 2.02
N SER A 39 -18.01 -6.83 1.20
CA SER A 39 -18.65 -8.11 1.50
C SER A 39 -17.90 -9.05 2.43
N PHE A 40 -16.76 -8.61 2.96
CA PHE A 40 -16.00 -9.51 3.82
C PHE A 40 -15.83 -9.02 5.25
N PRO A 41 -15.66 -9.97 6.19
CA PRO A 41 -15.48 -9.62 7.59
C PRO A 41 -14.02 -9.23 7.85
N THR A 42 -13.75 -8.63 9.00
CA THR A 42 -12.39 -8.24 9.36
C THR A 42 -12.18 -8.16 10.86
N ARG A 43 -10.96 -8.46 11.26
CA ARG A 43 -10.57 -8.40 12.65
C ARG A 43 -9.71 -7.14 12.75
N PRO A 44 -9.65 -6.51 13.93
CA PRO A 44 -8.84 -5.29 14.08
C PRO A 44 -7.35 -5.49 14.29
N ILE A 45 -6.55 -4.63 13.67
CA ILE A 45 -5.10 -4.70 13.84
C ILE A 45 -4.84 -4.05 15.19
N PRO A 46 -4.03 -4.67 16.04
CA PRO A 46 -3.73 -4.12 17.35
C PRO A 46 -2.92 -2.82 17.36
N ARG A 47 -3.44 -1.82 18.07
CA ARG A 47 -2.76 -0.53 18.21
C ARG A 47 -1.97 -0.60 19.50
N LEU A 48 -0.65 -0.53 19.39
CA LEU A 48 0.19 -0.63 20.57
C LEU A 48 1.26 0.46 20.64
N SER A 49 1.96 0.50 21.77
CA SER A 49 3.05 1.46 21.97
C SER A 49 4.31 0.77 21.54
N GLN A 50 5.22 1.54 20.94
CA GLN A 50 6.48 1.01 20.47
C GLN A 50 7.24 0.38 21.63
N SER A 51 6.93 0.81 22.85
CA SER A 51 7.63 0.24 24.02
C SER A 51 6.97 -1.06 24.46
N ASP A 52 5.81 -1.36 23.89
CA ASP A 52 5.07 -2.57 24.23
C ASP A 52 5.75 -3.81 23.65
N PRO A 53 6.09 -4.79 24.49
CA PRO A 53 6.74 -6.02 24.02
C PRO A 53 5.94 -6.71 22.93
N ARG A 54 4.62 -6.65 23.04
CA ARG A 54 3.75 -7.26 22.05
C ARG A 54 4.04 -6.72 20.65
N ALA A 55 4.16 -5.41 20.51
CA ALA A 55 4.41 -4.81 19.21
C ALA A 55 5.70 -5.35 18.64
N GLU A 56 6.70 -5.50 19.48
CA GLU A 56 8.00 -6.00 19.05
C GLU A 56 7.84 -7.46 18.64
N GLU A 57 6.88 -8.14 19.24
CA GLU A 57 6.61 -9.55 18.97
C GLU A 57 5.92 -9.72 17.62
N LEU A 58 4.96 -8.83 17.33
CA LEU A 58 4.23 -8.86 16.08
C LEU A 58 5.13 -8.57 14.89
N ILE A 59 5.98 -7.56 15.03
CA ILE A 59 6.89 -7.20 13.95
C ILE A 59 7.86 -8.33 13.68
N GLU A 60 8.27 -9.02 14.73
CA GLU A 60 9.21 -10.12 14.58
C GLU A 60 8.55 -11.31 13.87
N ASN A 61 7.32 -11.63 14.27
CA ASN A 61 6.58 -12.73 13.69
C ASN A 61 5.90 -12.27 12.39
N GLU A 62 6.37 -11.14 11.87
CA GLU A 62 5.84 -10.58 10.63
C GLU A 62 4.31 -10.48 10.55
N GLU A 63 3.75 -9.84 11.55
CA GLU A 63 2.31 -9.61 11.60
C GLU A 63 2.11 -8.12 11.73
N PRO A 64 1.05 -7.57 11.13
CA PRO A 64 0.78 -6.14 11.20
C PRO A 64 0.54 -5.59 12.60
N VAL A 65 0.88 -4.32 12.81
CA VAL A 65 0.64 -3.67 14.09
C VAL A 65 0.70 -2.17 13.89
N VAL A 66 -0.11 -1.43 14.64
CA VAL A 66 -0.09 0.02 14.51
C VAL A 66 0.62 0.59 15.75
N LEU A 67 1.75 1.26 15.53
CA LEU A 67 2.51 1.87 16.63
C LEU A 67 2.02 3.30 16.74
N THR A 68 1.54 3.67 17.92
CA THR A 68 0.99 5.02 18.11
C THR A 68 1.92 6.10 18.62
N ASP A 69 3.08 5.71 19.12
CA ASP A 69 4.01 6.66 19.69
C ASP A 69 5.47 6.52 19.26
N THR A 70 5.72 6.45 17.96
CA THR A 70 7.10 6.32 17.48
C THR A 70 7.72 7.68 17.28
N ASN A 71 6.93 8.64 16.83
CA ASN A 71 7.43 9.98 16.55
C ASN A 71 8.30 9.86 15.32
N LEU A 72 8.07 8.81 14.55
CA LEU A 72 8.83 8.57 13.33
C LEU A 72 8.89 9.79 12.42
N VAL A 73 7.75 10.39 12.11
CA VAL A 73 7.73 11.54 11.23
C VAL A 73 7.15 12.76 11.95
N TYR A 74 7.52 12.89 13.22
CA TYR A 74 7.05 13.99 14.06
C TYR A 74 7.11 15.36 13.38
N PRO A 75 8.29 15.74 12.84
CA PRO A 75 8.40 17.04 12.17
C PRO A 75 7.45 17.28 11.00
N ALA A 76 7.01 16.19 10.35
CA ALA A 76 6.12 16.31 9.21
C ALA A 76 4.66 16.47 9.61
N LEU A 77 4.33 16.19 10.87
CA LEU A 77 2.94 16.31 11.29
C LEU A 77 2.36 17.68 11.04
N LYS A 78 3.25 18.65 10.88
CA LYS A 78 2.92 20.02 10.47
C LYS A 78 2.50 20.21 9.02
N TRP A 79 3.02 19.38 8.15
CA TRP A 79 2.87 19.51 6.70
C TRP A 79 1.43 19.66 6.22
N ASP A 80 1.26 20.43 5.15
CA ASP A 80 -0.03 20.66 4.52
C ASP A 80 0.28 21.14 3.11
N LEU A 81 -0.75 21.34 2.29
CA LEU A 81 -0.55 21.80 0.92
C LEU A 81 0.21 23.13 0.81
N GLU A 82 -0.15 24.07 1.68
CA GLU A 82 0.49 25.38 1.64
C GLU A 82 1.96 25.32 2.05
N TYR A 83 2.24 24.65 3.16
CA TYR A 83 3.60 24.50 3.66
C TYR A 83 4.49 23.77 2.65
N LEU A 84 3.96 22.71 2.05
CA LEU A 84 4.73 21.94 1.08
C LEU A 84 5.01 22.71 -0.20
N GLN A 85 3.98 23.31 -0.80
CA GLN A 85 4.15 24.09 -2.02
C GLN A 85 5.17 25.19 -1.80
N GLU A 86 5.27 25.61 -0.55
CA GLU A 86 6.17 26.68 -0.14
C GLU A 86 7.62 26.22 0.02
N ASN A 87 7.83 25.05 0.58
CA ASN A 87 9.19 24.60 0.82
C ASN A 87 9.60 23.27 0.18
N ILE A 88 8.75 22.70 -0.66
CA ILE A 88 9.08 21.41 -1.26
C ILE A 88 10.12 21.45 -2.39
N GLY A 89 10.16 22.54 -3.14
CA GLY A 89 11.13 22.64 -4.23
C GLY A 89 10.50 22.76 -5.60
N ASN A 90 11.32 22.65 -6.64
CA ASN A 90 10.84 22.75 -8.02
C ASN A 90 11.02 21.46 -8.78
N GLY A 91 11.22 20.36 -8.06
CA GLY A 91 11.41 19.09 -8.71
C GLY A 91 10.12 18.60 -9.34
N ASP A 92 10.19 17.45 -10.01
CA ASP A 92 9.02 16.87 -10.65
C ASP A 92 8.36 15.89 -9.69
N PHE A 93 7.04 15.84 -9.73
CA PHE A 93 6.27 14.94 -8.87
C PHE A 93 5.34 14.03 -9.67
N SER A 94 5.57 12.72 -9.57
CA SER A 94 4.72 11.76 -10.26
C SER A 94 3.31 11.89 -9.68
N VAL A 95 2.33 12.18 -10.54
CA VAL A 95 0.94 12.32 -10.10
C VAL A 95 0.03 11.43 -10.93
N TYR A 96 -0.63 10.49 -10.27
CA TYR A 96 -1.53 9.56 -10.95
C TYR A 96 -2.96 10.08 -10.94
N SER A 97 -3.71 9.82 -12.00
CA SER A 97 -5.09 10.28 -12.09
C SER A 97 -6.00 9.10 -12.34
N ALA A 98 -7.30 9.32 -12.17
CA ALA A 98 -8.25 8.25 -12.40
C ALA A 98 -9.67 8.80 -12.51
N SER A 99 -10.50 8.12 -13.29
CA SER A 99 -11.88 8.55 -13.48
C SER A 99 -12.76 7.98 -12.37
N THR A 100 -12.22 7.07 -11.59
CA THR A 100 -12.95 6.43 -10.50
C THR A 100 -12.12 6.57 -9.21
N HIS A 101 -12.67 6.13 -8.09
CA HIS A 101 -11.96 6.21 -6.82
C HIS A 101 -10.84 5.17 -6.73
N LYS A 102 -10.91 4.15 -7.59
CA LYS A 102 -9.92 3.09 -7.60
C LYS A 102 -8.78 3.41 -8.56
N PHE A 103 -7.57 3.56 -8.01
CA PHE A 103 -6.40 3.84 -8.83
C PHE A 103 -5.80 2.54 -9.30
N LEU A 104 -5.80 2.35 -10.62
CA LEU A 104 -5.25 1.12 -11.20
C LEU A 104 -3.82 1.33 -11.69
N TYR A 105 -2.84 1.15 -10.81
CA TYR A 105 -1.45 1.32 -11.23
C TYR A 105 -1.03 0.14 -12.10
N TYR A 106 0.03 0.31 -12.87
CA TYR A 106 0.48 -0.77 -13.73
C TYR A 106 1.94 -0.60 -14.15
N ASP A 107 2.66 -1.70 -14.21
CA ASP A 107 4.05 -1.69 -14.60
C ASP A 107 4.14 -1.44 -16.09
N GLU A 108 4.58 -0.24 -16.47
CA GLU A 108 4.67 0.12 -17.89
C GLU A 108 5.58 -0.82 -18.69
N LYS A 109 6.71 -1.20 -18.09
CA LYS A 109 7.68 -2.09 -18.70
C LYS A 109 7.05 -3.44 -19.11
N LYS A 110 5.94 -3.78 -18.46
CA LYS A 110 5.26 -5.03 -18.77
C LYS A 110 4.12 -4.86 -19.76
N MET A 111 3.84 -3.62 -20.16
CA MET A 111 2.75 -3.37 -21.10
C MET A 111 3.00 -4.01 -22.45
N ALA A 112 4.27 -4.25 -22.74
CA ALA A 112 4.66 -4.88 -24.00
C ALA A 112 4.02 -6.26 -24.10
N ASN A 113 4.16 -7.06 -23.05
CA ASN A 113 3.61 -8.41 -23.01
C ASN A 113 2.13 -8.46 -23.43
N PHE A 114 1.28 -7.75 -22.69
CA PHE A 114 -0.14 -7.72 -23.00
C PHE A 114 -0.49 -6.53 -23.89
N GLN A 115 -0.96 -6.85 -25.09
CA GLN A 115 -1.33 -5.84 -26.08
C GLN A 115 -2.69 -5.20 -25.81
N ASN A 116 -3.71 -6.03 -25.62
CA ASN A 116 -5.07 -5.54 -25.39
C ASN A 116 -5.26 -4.71 -24.12
N PHE A 117 -4.16 -4.38 -23.45
CA PHE A 117 -4.24 -3.59 -22.23
C PHE A 117 -4.37 -2.09 -22.45
N LYS A 118 -5.44 -1.51 -21.91
CA LYS A 118 -5.66 -0.08 -22.03
C LYS A 118 -5.50 0.56 -20.65
N PRO A 119 -4.69 1.63 -20.54
CA PRO A 119 -4.45 2.33 -19.28
C PRO A 119 -5.68 3.06 -18.72
N ARG A 120 -5.98 2.82 -17.44
CA ARG A 120 -7.12 3.45 -16.77
C ARG A 120 -6.62 4.50 -15.77
N SER A 121 -5.34 4.40 -15.42
CA SER A 121 -4.67 5.31 -14.47
C SER A 121 -3.37 5.89 -15.08
N ASN A 122 -3.49 7.05 -15.71
CA ASN A 122 -2.33 7.69 -16.33
C ASN A 122 -1.49 8.50 -15.35
N ARG A 123 -0.18 8.50 -15.57
CA ARG A 123 0.75 9.23 -14.73
C ARG A 123 1.16 10.52 -15.43
N GLU A 124 1.67 11.47 -14.66
CA GLU A 124 2.08 12.76 -15.21
C GLU A 124 2.98 13.51 -14.26
N GLU A 125 4.10 14.00 -14.78
CA GLU A 125 5.04 14.76 -13.97
C GLU A 125 4.60 16.21 -13.93
N MET A 126 4.88 16.88 -12.81
CA MET A 126 4.53 18.28 -12.67
C MET A 126 5.10 18.90 -11.39
N LYS A 127 5.12 20.23 -11.35
CA LYS A 127 5.63 20.95 -10.19
C LYS A 127 4.54 20.92 -9.12
N PHE A 128 4.96 20.91 -7.86
CA PHE A 128 4.02 20.84 -6.76
C PHE A 128 2.90 21.86 -6.90
N HIS A 129 3.27 23.09 -7.25
CA HIS A 129 2.27 24.15 -7.40
C HIS A 129 1.26 23.81 -8.49
N GLU A 130 1.67 22.98 -9.45
CA GLU A 130 0.76 22.56 -10.52
C GLU A 130 -0.22 21.52 -9.98
N PHE A 131 0.29 20.68 -9.09
CA PHE A 131 -0.53 19.65 -8.46
C PHE A 131 -1.58 20.33 -7.60
N VAL A 132 -1.13 21.25 -6.75
CA VAL A 132 -2.03 21.98 -5.88
C VAL A 132 -3.05 22.77 -6.69
N GLU A 133 -2.62 23.21 -7.86
CA GLU A 133 -3.48 23.98 -8.78
C GLU A 133 -4.58 23.10 -9.35
N LYS A 134 -4.17 22.07 -10.10
CA LYS A 134 -5.12 21.16 -10.73
C LYS A 134 -6.03 20.53 -9.70
N LEU A 135 -5.55 20.49 -8.46
CA LEU A 135 -6.32 19.93 -7.36
C LEU A 135 -7.43 20.89 -6.98
N GLN A 136 -7.13 22.19 -7.07
CA GLN A 136 -8.11 23.21 -6.74
C GLN A 136 -9.16 23.36 -7.84
N ASP A 137 -8.73 23.27 -9.10
CA ASP A 137 -9.65 23.39 -10.23
C ASP A 137 -10.81 22.42 -10.07
N ILE A 138 -10.47 21.18 -9.72
CA ILE A 138 -11.45 20.13 -9.54
C ILE A 138 -12.43 20.46 -8.41
N GLN A 139 -11.95 21.16 -7.39
CA GLN A 139 -12.81 21.51 -6.27
C GLN A 139 -13.98 22.40 -6.67
N GLN A 140 -13.67 23.60 -7.15
CA GLN A 140 -14.70 24.54 -7.56
C GLN A 140 -15.47 24.07 -8.79
N ARG A 141 -14.76 23.46 -9.74
CA ARG A 141 -15.39 22.97 -10.96
C ARG A 141 -16.23 21.72 -10.67
N GLY A 142 -16.22 21.29 -9.41
CA GLY A 142 -16.98 20.11 -9.03
C GLY A 142 -16.63 18.94 -9.93
N GLY A 143 -15.37 18.88 -10.36
CA GLY A 143 -14.92 17.81 -11.24
C GLY A 143 -15.14 16.41 -10.69
N GLU A 144 -14.75 15.41 -11.48
CA GLU A 144 -14.92 14.02 -11.09
C GLU A 144 -13.54 13.36 -11.00
N GLU A 145 -12.60 13.88 -11.78
CA GLU A 145 -11.24 13.37 -11.82
C GLU A 145 -10.59 13.39 -10.43
N ARG A 146 -9.95 12.28 -10.07
CA ARG A 146 -9.25 12.16 -8.80
C ARG A 146 -7.76 12.13 -9.08
N LEU A 147 -6.98 12.69 -8.16
CA LEU A 147 -5.54 12.73 -8.32
C LEU A 147 -4.87 12.08 -7.12
N TYR A 148 -3.64 11.60 -7.31
CA TYR A 148 -2.91 10.97 -6.24
C TYR A 148 -1.43 11.23 -6.49
N LEU A 149 -0.79 11.97 -5.59
CA LEU A 149 0.62 12.26 -5.75
C LEU A 149 1.46 11.22 -5.02
N GLN A 150 2.41 10.63 -5.73
CA GLN A 150 3.30 9.62 -5.15
C GLN A 150 4.71 9.84 -5.68
N GLN A 151 5.53 10.51 -4.87
CA GLN A 151 6.90 10.83 -5.28
C GLN A 151 7.93 10.45 -4.22
N THR A 152 9.06 9.92 -4.66
CA THR A 152 10.14 9.55 -3.76
C THR A 152 10.81 10.82 -3.25
N LEU A 153 11.18 10.84 -1.98
CA LEU A 153 11.84 12.00 -1.37
C LEU A 153 13.33 12.03 -1.70
N ASN A 154 13.73 12.99 -2.53
CA ASN A 154 15.13 13.14 -2.92
C ASN A 154 15.70 14.52 -2.54
N ASP A 155 16.97 14.74 -2.86
CA ASP A 155 17.68 15.97 -2.55
C ASP A 155 17.16 17.25 -3.23
N THR A 156 16.28 17.11 -4.22
CA THR A 156 15.74 18.27 -4.91
C THR A 156 14.65 18.96 -4.10
N VAL A 157 14.57 18.63 -2.80
CA VAL A 157 13.55 19.22 -1.93
C VAL A 157 14.05 20.46 -1.18
N GLY A 158 13.11 21.37 -0.89
CA GLY A 158 13.46 22.59 -0.18
C GLY A 158 14.19 22.39 1.13
N ARG A 159 14.96 23.40 1.52
CA ARG A 159 15.74 23.35 2.76
C ARG A 159 14.94 22.91 3.99
N LYS A 160 13.86 23.62 4.28
CA LYS A 160 13.03 23.29 5.44
C LYS A 160 12.63 21.82 5.45
N ILE A 161 12.22 21.31 4.30
CA ILE A 161 11.84 19.92 4.19
C ILE A 161 13.03 19.03 4.58
N VAL A 162 14.23 19.45 4.24
CA VAL A 162 15.40 18.66 4.56
C VAL A 162 15.56 18.62 6.08
N MET A 163 15.12 19.69 6.72
CA MET A 163 15.18 19.80 8.17
C MET A 163 14.17 18.85 8.78
N ASP A 164 12.98 18.83 8.22
CA ASP A 164 11.94 17.93 8.71
C ASP A 164 12.37 16.48 8.49
N PHE A 165 12.87 16.20 7.30
CA PHE A 165 13.32 14.85 6.96
C PHE A 165 14.33 14.35 7.98
N LEU A 166 15.29 15.22 8.30
CA LEU A 166 16.32 14.87 9.26
C LEU A 166 15.71 14.72 10.64
N GLY A 167 14.58 15.39 10.84
CA GLY A 167 13.90 15.31 12.12
C GLY A 167 13.27 13.96 12.41
N PHE A 168 13.05 13.14 11.39
CA PHE A 168 12.44 11.83 11.58
C PHE A 168 13.19 11.01 12.63
N ASN A 169 12.50 10.10 13.29
CA ASN A 169 13.12 9.28 14.33
C ASN A 169 13.95 8.15 13.73
N TRP A 170 14.98 8.54 13.00
CA TRP A 170 15.87 7.58 12.38
C TRP A 170 16.43 6.66 13.45
N ASN A 171 16.51 7.12 14.68
CA ASN A 171 17.05 6.29 15.73
C ASN A 171 16.22 5.01 15.90
N TRP A 172 14.90 5.18 15.91
CA TRP A 172 13.97 4.06 16.08
C TRP A 172 13.90 3.13 14.88
N ILE A 173 13.65 3.71 13.72
CA ILE A 173 13.53 2.90 12.54
C ILE A 173 14.84 2.15 12.22
N ASN A 174 15.98 2.77 12.47
CA ASN A 174 17.25 2.12 12.21
C ASN A 174 17.44 0.91 13.10
N LYS A 175 16.94 0.97 14.33
CA LYS A 175 17.06 -0.16 15.24
C LYS A 175 16.16 -1.29 14.76
N GLN A 176 14.98 -0.93 14.27
CA GLN A 176 14.05 -1.93 13.76
C GLN A 176 14.71 -2.65 12.59
N GLN A 177 15.27 -1.88 11.66
CA GLN A 177 15.95 -2.43 10.50
C GLN A 177 17.01 -3.44 10.93
N GLY A 178 17.68 -3.16 12.04
CA GLY A 178 18.70 -4.06 12.54
C GLY A 178 18.15 -5.27 13.28
N LYS A 179 17.22 -5.04 14.21
CA LYS A 179 16.63 -6.14 14.97
C LYS A 179 15.96 -7.20 14.10
N ARG A 180 15.41 -6.79 12.96
CA ARG A 180 14.74 -7.73 12.08
C ARG A 180 15.70 -8.29 11.03
N GLY A 181 16.89 -7.71 10.95
CA GLY A 181 17.86 -8.18 9.99
C GLY A 181 17.48 -7.80 8.57
N TRP A 182 16.63 -6.79 8.41
CA TRP A 182 16.20 -6.36 7.09
C TRP A 182 17.37 -5.82 6.28
N GLY A 183 17.10 -5.49 5.03
CA GLY A 183 18.13 -4.95 4.17
C GLY A 183 18.08 -3.45 4.27
N GLN A 184 18.71 -2.77 3.31
CA GLN A 184 18.75 -1.32 3.33
C GLN A 184 17.42 -0.67 2.97
N LEU A 185 17.22 0.55 3.45
CA LEU A 185 16.01 1.26 3.13
C LEU A 185 16.02 1.50 1.62
N THR A 186 15.17 0.77 0.91
CA THR A 186 15.11 0.92 -0.54
C THR A 186 14.65 2.30 -0.95
N SER A 187 13.54 2.77 -0.38
CA SER A 187 13.03 4.10 -0.73
C SER A 187 12.02 4.70 0.25
N ASN A 188 11.78 6.00 0.10
CA ASN A 188 10.81 6.72 0.91
C ASN A 188 9.78 7.26 -0.06
N LEU A 189 8.51 7.14 0.27
CA LEU A 189 7.52 7.63 -0.66
C LEU A 189 6.55 8.62 0.00
N LEU A 190 6.37 9.77 -0.64
CA LEU A 190 5.45 10.76 -0.13
C LEU A 190 4.15 10.60 -0.90
N LEU A 191 3.06 10.33 -0.19
CA LEU A 191 1.79 10.16 -0.85
C LEU A 191 0.80 11.20 -0.34
N ILE A 192 0.17 11.91 -1.26
CA ILE A 192 -0.81 12.93 -0.92
C ILE A 192 -1.99 12.61 -1.81
N GLY A 193 -3.12 12.28 -1.21
CA GLY A 193 -4.28 11.93 -2.01
C GLY A 193 -5.56 12.65 -1.64
N MET A 194 -6.53 12.60 -2.54
CA MET A 194 -7.80 13.24 -2.29
C MET A 194 -8.66 12.28 -1.47
N GLU A 195 -9.64 12.85 -0.74
CA GLU A 195 -10.53 12.04 0.07
C GLU A 195 -11.19 11.01 -0.84
N GLY A 196 -11.49 9.83 -0.30
CA GLY A 196 -12.13 8.79 -1.09
C GLY A 196 -11.19 7.96 -1.96
N ASN A 197 -9.99 8.47 -2.20
CA ASN A 197 -9.01 7.77 -3.02
C ASN A 197 -8.76 6.37 -2.49
N VAL A 198 -8.65 5.42 -3.39
CA VAL A 198 -8.43 4.03 -3.04
C VAL A 198 -7.30 3.36 -3.82
N THR A 199 -6.47 2.63 -3.10
CA THR A 199 -5.38 1.88 -3.68
C THR A 199 -5.86 0.44 -3.51
N PRO A 200 -6.29 -0.19 -4.62
CA PRO A 200 -6.79 -1.57 -4.69
C PRO A 200 -5.86 -2.56 -4.02
N ALA A 201 -6.46 -3.60 -3.46
CA ALA A 201 -5.70 -4.63 -2.77
C ALA A 201 -4.55 -5.16 -3.62
N HIS A 202 -3.39 -5.30 -3.01
CA HIS A 202 -2.21 -5.80 -3.68
C HIS A 202 -1.18 -6.09 -2.62
N TYR A 203 -0.06 -6.71 -3.01
CA TYR A 203 0.99 -6.99 -2.06
C TYR A 203 2.34 -6.51 -2.62
N ASP A 204 3.31 -6.27 -1.74
CA ASP A 204 4.63 -5.83 -2.14
C ASP A 204 5.62 -6.84 -1.61
N GLU A 205 6.83 -6.87 -2.15
CA GLU A 205 7.81 -7.84 -1.67
C GLU A 205 8.73 -7.30 -0.60
N GLN A 206 8.54 -6.02 -0.25
CA GLN A 206 9.38 -5.39 0.77
C GLN A 206 8.62 -5.10 2.05
N GLN A 207 9.37 -4.96 3.15
CA GLN A 207 8.82 -4.64 4.47
C GLN A 207 8.47 -3.16 4.41
N ASN A 208 7.29 -2.78 4.89
CA ASN A 208 6.88 -1.39 4.83
C ASN A 208 6.36 -0.79 6.15
N PHE A 209 6.78 0.45 6.40
CA PHE A 209 6.33 1.22 7.56
C PHE A 209 5.54 2.35 6.99
N PHE A 210 4.24 2.31 7.23
CA PHE A 210 3.27 3.28 6.74
C PHE A 210 3.16 4.37 7.79
N ALA A 211 3.79 5.52 7.55
CA ALA A 211 3.74 6.62 8.51
C ALA A 211 2.70 7.67 8.13
N GLN A 212 1.57 7.66 8.84
CA GLN A 212 0.49 8.61 8.56
C GLN A 212 0.82 9.99 9.11
N ILE A 213 0.58 11.01 8.28
CA ILE A 213 0.89 12.39 8.60
C ILE A 213 -0.30 13.33 8.70
N LYS A 214 -1.12 13.32 7.67
CA LYS A 214 -2.30 14.16 7.62
C LYS A 214 -3.51 13.37 7.16
N GLY A 215 -4.65 13.58 7.81
CA GLY A 215 -5.87 12.87 7.45
C GLY A 215 -5.89 11.43 7.94
N TYR A 216 -6.94 10.70 7.57
CA TYR A 216 -7.03 9.31 7.99
C TYR A 216 -7.18 8.36 6.81
N LYS A 217 -6.59 7.19 6.95
CA LYS A 217 -6.66 6.18 5.90
C LYS A 217 -7.06 4.84 6.48
N ARG A 218 -8.04 4.20 5.84
CA ARG A 218 -8.49 2.90 6.29
C ARG A 218 -7.61 1.87 5.59
N CYS A 219 -6.94 1.07 6.39
CA CYS A 219 -6.05 0.04 5.90
C CYS A 219 -6.61 -1.36 6.15
N ILE A 220 -6.84 -2.12 5.07
CA ILE A 220 -7.35 -3.49 5.17
C ILE A 220 -6.31 -4.45 4.62
N LEU A 221 -5.75 -5.27 5.49
CA LEU A 221 -4.70 -6.21 5.14
C LEU A 221 -5.16 -7.67 5.10
N PHE A 222 -4.51 -8.48 4.27
CA PHE A 222 -4.85 -9.88 4.16
C PHE A 222 -3.56 -10.70 4.24
N PRO A 223 -3.54 -11.76 5.06
CA PRO A 223 -2.32 -12.56 5.17
C PRO A 223 -1.93 -13.18 3.84
N PRO A 224 -0.65 -13.52 3.68
CA PRO A 224 -0.15 -14.12 2.45
C PRO A 224 -0.85 -15.43 2.11
N ASP A 225 -1.30 -16.16 3.13
CA ASP A 225 -1.97 -17.44 2.93
C ASP A 225 -3.38 -17.30 2.33
N GLN A 226 -3.77 -16.08 1.97
CA GLN A 226 -5.09 -15.92 1.37
C GLN A 226 -4.95 -15.65 -0.11
N PHE A 227 -3.81 -16.08 -0.64
CA PHE A 227 -3.48 -15.95 -2.04
C PHE A 227 -4.62 -16.50 -2.91
N GLU A 228 -5.10 -17.70 -2.60
CA GLU A 228 -6.18 -18.31 -3.38
C GLU A 228 -7.55 -17.67 -3.28
N CYS A 229 -7.67 -16.64 -2.43
CA CYS A 229 -8.94 -15.92 -2.29
C CYS A 229 -8.87 -14.59 -3.03
N LEU A 230 -7.65 -14.12 -3.30
CA LEU A 230 -7.48 -12.82 -3.93
C LEU A 230 -7.24 -12.77 -5.43
N TYR A 231 -6.75 -13.89 -5.97
CA TYR A 231 -6.53 -14.05 -7.40
C TYR A 231 -5.68 -12.98 -8.09
N PRO A 232 -4.42 -12.84 -7.69
CA PRO A 232 -3.56 -11.84 -8.33
C PRO A 232 -3.39 -12.03 -9.82
N TYR A 233 -3.21 -10.92 -10.52
CA TYR A 233 -2.99 -10.94 -11.95
C TYR A 233 -1.78 -11.82 -12.28
N PRO A 234 -1.68 -12.31 -13.52
CA PRO A 234 -0.54 -13.15 -13.91
C PRO A 234 0.75 -12.32 -13.71
N VAL A 235 1.84 -12.96 -13.30
CA VAL A 235 3.09 -12.25 -13.04
C VAL A 235 3.53 -11.32 -14.20
N HIS A 236 3.37 -11.75 -15.44
CA HIS A 236 3.78 -10.93 -16.59
C HIS A 236 2.79 -9.81 -16.93
N HIS A 237 1.64 -9.79 -16.26
CA HIS A 237 0.65 -8.76 -16.53
C HIS A 237 1.06 -7.43 -15.89
N PRO A 238 0.73 -6.31 -16.56
CA PRO A 238 1.09 -4.99 -16.00
C PRO A 238 0.62 -4.81 -14.56
N CYS A 239 -0.52 -5.43 -14.22
CA CYS A 239 -1.04 -5.28 -12.86
C CYS A 239 -0.56 -6.38 -11.92
N ASP A 240 0.60 -6.92 -12.21
CA ASP A 240 1.23 -7.94 -11.40
C ASP A 240 1.15 -7.51 -9.94
N ARG A 241 0.85 -8.47 -9.07
CA ARG A 241 0.75 -8.28 -7.61
C ARG A 241 -0.55 -7.66 -7.10
N GLN A 242 -1.41 -7.27 -8.02
CA GLN A 242 -2.70 -6.71 -7.63
C GLN A 242 -3.76 -7.80 -7.73
N SER A 243 -4.84 -7.64 -6.98
CA SER A 243 -5.96 -8.58 -6.97
C SER A 243 -6.82 -8.28 -8.20
N GLN A 244 -7.37 -9.33 -8.82
CA GLN A 244 -8.23 -9.11 -9.98
C GLN A 244 -9.64 -8.84 -9.50
N VAL A 245 -9.90 -9.19 -8.25
CA VAL A 245 -11.21 -9.01 -7.67
C VAL A 245 -11.58 -7.56 -7.39
N ASP A 246 -12.67 -7.09 -8.00
CA ASP A 246 -13.17 -5.72 -7.79
C ASP A 246 -13.93 -5.73 -6.45
N PHE A 247 -13.29 -5.24 -5.41
CA PHE A 247 -13.90 -5.21 -4.08
C PHE A 247 -15.30 -4.57 -4.05
N ASP A 248 -15.57 -3.62 -4.93
CA ASP A 248 -16.88 -2.98 -4.99
C ASP A 248 -17.94 -3.85 -5.65
N ASN A 249 -17.52 -4.71 -6.59
CA ASN A 249 -18.46 -5.59 -7.28
C ASN A 249 -17.76 -6.92 -7.56
N PRO A 250 -17.51 -7.72 -6.52
CA PRO A 250 -16.85 -9.01 -6.67
C PRO A 250 -17.59 -10.02 -7.53
N ASP A 251 -16.89 -10.54 -8.53
CA ASP A 251 -17.46 -11.53 -9.43
C ASP A 251 -17.21 -12.90 -8.83
N TYR A 252 -18.16 -13.36 -8.02
CA TYR A 252 -18.04 -14.65 -7.34
C TYR A 252 -17.99 -15.86 -8.25
N GLU A 253 -18.36 -15.68 -9.51
CA GLU A 253 -18.30 -16.77 -10.46
C GLU A 253 -16.86 -17.02 -10.89
N ARG A 254 -16.15 -15.93 -11.20
CA ARG A 254 -14.75 -16.04 -11.61
C ARG A 254 -13.84 -16.25 -10.41
N PHE A 255 -14.20 -15.62 -9.30
CA PHE A 255 -13.39 -15.68 -8.09
C PHE A 255 -14.19 -16.20 -6.89
N PRO A 256 -14.63 -17.46 -6.97
CA PRO A 256 -15.42 -18.08 -5.90
C PRO A 256 -14.84 -17.98 -4.48
N ASN A 257 -13.54 -18.18 -4.33
CA ASN A 257 -12.92 -18.13 -3.01
C ASN A 257 -12.82 -16.77 -2.37
N PHE A 258 -13.28 -15.74 -3.08
CA PHE A 258 -13.24 -14.42 -2.49
C PHE A 258 -14.28 -14.40 -1.38
N GLN A 259 -15.22 -15.35 -1.43
CA GLN A 259 -16.26 -15.44 -0.42
C GLN A 259 -15.68 -16.02 0.88
N ASN A 260 -14.41 -16.38 0.87
CA ASN A 260 -13.80 -16.94 2.07
C ASN A 260 -12.74 -16.01 2.63
N VAL A 261 -12.62 -14.83 2.03
CA VAL A 261 -11.59 -13.91 2.48
C VAL A 261 -11.92 -13.23 3.80
N VAL A 262 -10.93 -13.17 4.67
CA VAL A 262 -11.07 -12.55 5.98
C VAL A 262 -9.87 -11.64 6.22
N GLY A 263 -10.12 -10.34 6.31
CA GLY A 263 -9.04 -9.40 6.51
C GLY A 263 -8.84 -8.81 7.90
N TYR A 264 -7.77 -8.02 8.01
CA TYR A 264 -7.40 -7.34 9.24
C TYR A 264 -7.44 -5.86 8.88
N GLU A 265 -8.19 -5.06 9.63
CA GLU A 265 -8.27 -3.65 9.30
C GLU A 265 -8.02 -2.69 10.45
N THR A 266 -7.83 -1.43 10.07
CA THR A 266 -7.56 -0.36 11.02
C THR A 266 -7.56 1.00 10.32
N VAL A 267 -7.79 2.05 11.11
CA VAL A 267 -7.77 3.37 10.55
C VAL A 267 -6.57 4.08 11.18
N VAL A 268 -5.65 4.52 10.35
CA VAL A 268 -4.49 5.22 10.88
C VAL A 268 -4.63 6.72 10.72
N GLY A 269 -4.20 7.45 11.73
CA GLY A 269 -4.28 8.89 11.69
C GLY A 269 -2.92 9.53 11.95
N PRO A 270 -2.86 10.87 11.98
CA PRO A 270 -1.62 11.60 12.22
C PRO A 270 -0.82 11.02 13.39
N GLY A 271 0.45 10.71 13.13
CA GLY A 271 1.29 10.17 14.17
C GLY A 271 1.34 8.66 14.29
N ASP A 272 0.49 7.96 13.55
CA ASP A 272 0.50 6.49 13.62
C ASP A 272 1.39 5.85 12.57
N VAL A 273 2.02 4.76 12.94
CA VAL A 273 2.86 4.03 12.03
C VAL A 273 2.33 2.59 11.95
N LEU A 274 1.96 2.19 10.72
CA LEU A 274 1.42 0.85 10.47
C LEU A 274 2.47 -0.03 9.81
N TYR A 275 2.83 -1.12 10.48
CA TYR A 275 3.78 -2.03 9.90
C TYR A 275 3.00 -2.94 8.94
N ILE A 276 3.34 -2.91 7.66
CA ILE A 276 2.69 -3.76 6.65
C ILE A 276 3.77 -4.76 6.22
N PRO A 277 3.77 -5.99 6.79
CA PRO A 277 4.76 -7.03 6.48
C PRO A 277 4.84 -7.33 4.99
N MET A 278 6.03 -7.72 4.50
CA MET A 278 6.19 -8.03 3.08
C MET A 278 5.25 -9.17 2.67
N TYR A 279 4.75 -9.10 1.43
CA TYR A 279 3.85 -10.13 0.87
C TYR A 279 2.41 -10.07 1.43
N TRP A 280 2.20 -9.29 2.47
CA TRP A 280 0.85 -9.13 3.03
C TRP A 280 0.04 -8.26 2.11
N TRP A 281 -1.14 -8.72 1.71
CA TRP A 281 -2.01 -7.94 0.83
C TRP A 281 -2.46 -6.71 1.61
N HIS A 282 -2.71 -5.60 0.92
CA HIS A 282 -3.19 -4.42 1.60
C HIS A 282 -4.07 -3.55 0.70
N HIS A 283 -5.16 -3.07 1.27
CA HIS A 283 -6.10 -2.22 0.56
C HIS A 283 -6.05 -0.94 1.37
N ILE A 284 -5.82 0.19 0.71
CA ILE A 284 -5.74 1.49 1.40
C ILE A 284 -6.70 2.49 0.79
N GLU A 285 -7.45 3.18 1.64
CA GLU A 285 -8.40 4.17 1.17
C GLU A 285 -8.44 5.37 2.11
N SER A 286 -8.55 6.56 1.53
CA SER A 286 -8.62 7.79 2.30
C SER A 286 -10.07 8.01 2.67
N LEU A 287 -10.38 8.14 3.96
CA LEU A 287 -11.78 8.31 4.37
C LEU A 287 -12.58 9.28 3.55
N LEU A 288 -13.83 8.91 3.32
CA LEU A 288 -14.77 9.72 2.56
C LEU A 288 -15.01 11.03 3.29
N ASN A 289 -14.99 12.12 2.53
CA ASN A 289 -15.20 13.46 3.06
C ASN A 289 -14.31 13.73 4.26
N GLY A 290 -13.08 13.23 4.19
CA GLY A 290 -12.15 13.43 5.28
C GLY A 290 -11.02 14.37 4.91
N GLY A 291 -11.14 15.00 3.74
CA GLY A 291 -10.11 15.92 3.30
C GLY A 291 -8.93 15.16 2.71
N ILE A 292 -7.88 15.89 2.34
CA ILE A 292 -6.70 15.27 1.76
C ILE A 292 -5.95 14.45 2.79
N THR A 293 -5.15 13.50 2.32
CA THR A 293 -4.35 12.68 3.20
C THR A 293 -2.88 12.73 2.81
N ILE A 294 -2.01 12.64 3.79
CA ILE A 294 -0.58 12.65 3.52
C ILE A 294 0.05 11.50 4.27
N THR A 295 0.89 10.74 3.59
CA THR A 295 1.57 9.61 4.19
C THR A 295 2.98 9.52 3.65
N VAL A 296 3.88 8.90 4.42
CA VAL A 296 5.24 8.66 3.97
C VAL A 296 5.56 7.19 4.30
N ASN A 297 5.89 6.40 3.28
CA ASN A 297 6.22 5.00 3.51
C ASN A 297 7.72 4.79 3.52
N PHE A 298 8.15 3.82 4.31
CA PHE A 298 9.55 3.45 4.41
C PHE A 298 9.63 2.00 3.97
N TRP A 299 10.29 1.75 2.85
CA TRP A 299 10.41 0.38 2.34
C TRP A 299 11.80 -0.22 2.51
N TYR A 300 11.86 -1.37 3.17
CA TYR A 300 13.11 -2.08 3.41
C TYR A 300 13.09 -3.48 2.81
N LYS A 301 14.16 -3.88 2.12
CA LYS A 301 14.22 -5.21 1.55
C LYS A 301 14.17 -6.12 2.76
N GLY A 302 13.50 -7.26 2.63
CA GLY A 302 13.41 -8.16 3.76
C GLY A 302 14.74 -8.83 4.08
N ALA A 303 14.79 -9.51 5.21
CA ALA A 303 15.98 -10.22 5.63
C ALA A 303 16.32 -11.28 4.59
N PRO A 304 17.60 -11.64 4.47
CA PRO A 304 18.01 -12.66 3.50
C PRO A 304 17.43 -14.04 3.86
N THR A 305 17.11 -14.84 2.86
CA THR A 305 16.55 -16.18 3.09
C THR A 305 17.57 -17.06 3.80
N PRO A 306 17.16 -17.71 4.89
CA PRO A 306 18.06 -18.59 5.66
C PRO A 306 18.59 -19.73 4.80
N LYS A 307 19.83 -20.14 5.08
CA LYS A 307 20.48 -21.22 4.32
C LYS A 307 19.70 -22.53 4.42
N ARG A 308 19.56 -23.04 5.64
CA ARG A 308 18.84 -24.28 5.91
C ARG A 308 17.34 -24.04 5.80
N ILE A 309 16.79 -24.36 4.62
CA ILE A 309 15.36 -24.20 4.34
C ILE A 309 14.53 -25.08 5.27
N GLU A 310 13.87 -24.46 6.25
CA GLU A 310 13.05 -25.22 7.19
C GLU A 310 11.63 -25.42 6.68
N TYR A 311 11.08 -26.58 7.01
CA TYR A 311 9.73 -26.94 6.65
C TYR A 311 8.98 -27.11 7.97
N PRO A 312 7.67 -26.86 7.98
CA PRO A 312 6.83 -26.44 6.85
C PRO A 312 7.24 -25.09 6.28
N LEU A 313 6.93 -24.90 5.01
CA LEU A 313 7.27 -23.68 4.30
C LEU A 313 6.27 -22.55 4.62
N LYS A 314 6.76 -21.32 4.64
CA LYS A 314 5.89 -20.17 4.92
C LYS A 314 5.05 -19.88 3.69
N ALA A 315 3.86 -19.32 3.90
CA ALA A 315 2.99 -19.00 2.78
C ALA A 315 3.63 -18.04 1.80
N HIS A 316 4.37 -17.05 2.28
CA HIS A 316 4.98 -16.09 1.38
C HIS A 316 6.07 -16.76 0.57
N GLN A 317 6.59 -17.87 1.08
CA GLN A 317 7.61 -18.60 0.35
C GLN A 317 6.99 -19.34 -0.82
N LYS A 318 5.80 -19.90 -0.60
CA LYS A 318 5.09 -20.60 -1.66
C LYS A 318 4.69 -19.59 -2.72
N VAL A 319 4.34 -18.38 -2.29
CA VAL A 319 3.98 -17.35 -3.24
C VAL A 319 5.21 -17.04 -4.09
N ALA A 320 6.38 -17.00 -3.46
CA ALA A 320 7.62 -16.70 -4.17
C ALA A 320 7.90 -17.78 -5.19
N ILE A 321 7.65 -19.02 -4.79
CA ILE A 321 7.85 -20.17 -5.65
C ILE A 321 6.94 -20.09 -6.88
N MET A 322 5.68 -19.69 -6.69
CA MET A 322 4.75 -19.59 -7.81
C MET A 322 5.16 -18.48 -8.79
N ARG A 323 5.64 -17.37 -8.25
CA ARG A 323 6.05 -16.26 -9.08
C ARG A 323 7.22 -16.71 -9.96
N ASN A 324 8.14 -17.47 -9.38
CA ASN A 324 9.29 -17.93 -10.14
C ASN A 324 8.88 -18.90 -11.24
N ILE A 325 8.03 -19.86 -10.89
CA ILE A 325 7.55 -20.81 -11.88
C ILE A 325 7.04 -19.99 -13.08
N GLU A 326 6.24 -18.96 -12.82
CA GLU A 326 5.69 -18.13 -13.88
C GLU A 326 6.75 -17.40 -14.69
N LYS A 327 7.74 -16.85 -14.00
CA LYS A 327 8.80 -16.12 -14.67
C LYS A 327 9.62 -17.06 -15.56
N MET A 328 10.16 -18.11 -14.95
CA MET A 328 10.97 -19.07 -15.70
C MET A 328 10.22 -19.62 -16.90
N LEU A 329 8.98 -20.04 -16.66
CA LEU A 329 8.18 -20.59 -17.73
C LEU A 329 8.05 -19.59 -18.88
N GLY A 330 7.83 -18.33 -18.56
CA GLY A 330 7.72 -17.34 -19.62
C GLY A 330 9.05 -17.16 -20.32
N GLU A 331 10.13 -17.46 -19.61
CA GLU A 331 11.47 -17.33 -20.15
C GLU A 331 11.70 -18.46 -21.13
N ALA A 332 11.46 -19.68 -20.66
CA ALA A 332 11.65 -20.87 -21.46
C ALA A 332 10.82 -20.87 -22.75
N LEU A 333 9.53 -20.58 -22.64
CA LEU A 333 8.64 -20.56 -23.79
C LEU A 333 8.91 -19.39 -24.75
N GLY A 334 9.59 -18.37 -24.27
CA GLY A 334 9.88 -17.23 -25.12
C GLY A 334 8.71 -16.28 -25.32
N ASN A 335 7.60 -16.54 -24.65
CA ASN A 335 6.44 -15.66 -24.78
C ASN A 335 5.50 -15.83 -23.59
N PRO A 336 5.34 -14.76 -22.80
CA PRO A 336 4.46 -14.77 -21.61
C PRO A 336 3.03 -15.22 -21.91
N GLN A 337 2.56 -14.93 -23.12
CA GLN A 337 1.21 -15.28 -23.49
C GLN A 337 0.94 -16.79 -23.49
N GLU A 338 2.01 -17.58 -23.58
CA GLU A 338 1.88 -19.03 -23.61
C GLU A 338 1.92 -19.70 -22.24
N VAL A 339 2.25 -18.94 -21.21
CA VAL A 339 2.31 -19.48 -19.86
C VAL A 339 1.00 -20.14 -19.44
N GLY A 340 -0.12 -19.45 -19.66
CA GLY A 340 -1.41 -20.01 -19.30
C GLY A 340 -1.70 -21.35 -19.93
N PRO A 341 -1.64 -21.43 -21.27
CA PRO A 341 -1.90 -22.68 -21.97
C PRO A 341 -1.02 -23.85 -21.50
N LEU A 342 0.27 -23.61 -21.27
CA LEU A 342 1.12 -24.70 -20.83
C LEU A 342 0.75 -25.23 -19.43
N LEU A 343 0.43 -24.30 -18.53
CA LEU A 343 0.04 -24.65 -17.16
C LEU A 343 -1.24 -25.47 -17.15
N ASN A 344 -2.21 -25.06 -17.96
CA ASN A 344 -3.46 -25.77 -18.03
C ASN A 344 -3.24 -27.19 -18.53
N THR A 345 -2.46 -27.28 -19.61
CA THR A 345 -2.11 -28.55 -20.25
C THR A 345 -1.41 -29.44 -19.23
N MET A 346 -0.61 -28.82 -18.37
CA MET A 346 0.14 -29.55 -17.36
C MET A 346 -0.76 -30.05 -16.21
N ILE A 347 -1.87 -29.37 -15.91
CA ILE A 347 -2.68 -29.89 -14.82
C ILE A 347 -3.97 -30.60 -15.24
N LYS A 348 -4.59 -30.14 -16.32
CA LYS A 348 -5.85 -30.73 -16.79
C LYS A 348 -5.83 -32.25 -16.92
N GLY A 349 -6.66 -32.89 -16.12
CA GLY A 349 -6.74 -34.33 -16.14
C GLY A 349 -5.58 -35.01 -15.47
N ARG A 350 -4.71 -34.25 -14.82
CA ARG A 350 -3.54 -34.80 -14.14
C ARG A 350 -3.41 -34.32 -12.69
N TYR A 351 -3.82 -33.09 -12.42
CA TYR A 351 -3.72 -32.59 -11.05
C TYR A 351 -5.03 -31.99 -10.54
N ASN A 352 -6.07 -31.94 -11.37
CA ASN A 352 -7.33 -31.38 -10.90
C ASN A 352 -8.51 -32.34 -11.04
FE FE B . 2.40 -1.04 -2.71
OAA 8XQ C . -1.24 4.90 0.65
OAB 8XQ C . -1.90 4.51 -1.38
OAC 8XQ C . 2.14 -0.17 -0.68
CAD 8XQ C . 0.27 2.88 -4.06
CAE 8XQ C . 1.10 1.77 -4.10
CAF 8XQ C . 0.84 1.33 0.67
CAG 8XQ C . 0.00 2.43 0.73
CAH 8XQ C . -0.22 3.33 -2.84
NAI 8XQ C . 1.45 1.12 -2.91
CAJ 8XQ C . -1.19 4.21 -0.38
CAK 8XQ C . 1.32 0.90 -0.55
CAL 8XQ C . -0.35 3.10 -0.44
CAM 8XQ C . 0.13 2.66 -1.67
CAN 8XQ C . 0.98 1.55 -1.73
S SO4 D . -13.67 16.49 -14.57
O1 SO4 D . -13.06 16.07 -15.84
O2 SO4 D . -14.91 15.72 -14.34
O3 SO4 D . -12.73 16.27 -13.47
O4 SO4 D . -14.01 17.93 -14.65
S SO4 E . 9.18 -8.73 -11.67
O1 SO4 E . 8.12 -9.37 -12.48
O2 SO4 E . 10.48 -8.86 -12.37
O3 SO4 E . 8.88 -7.30 -11.50
O4 SO4 E . 9.27 -9.39 -10.35
S SO4 F . -15.75 11.27 -1.41
O1 SO4 F . -15.28 10.21 -2.33
O2 SO4 F . -14.85 11.34 -0.25
O3 SO4 F . -15.77 12.57 -2.10
O4 SO4 F . -17.11 10.93 -0.94
S SO4 G . 2.45 -18.77 7.31
O1 SO4 G . 3.35 -18.37 8.41
O2 SO4 G . 1.18 -19.31 7.86
O3 SO4 G . 2.15 -17.61 6.46
O4 SO4 G . 3.10 -19.83 6.51
S SO4 H . -0.58 -20.93 -0.14
O1 SO4 H . 0.70 -20.35 -0.60
O2 SO4 H . -0.35 -21.68 1.12
O3 SO4 H . -1.54 -19.85 0.09
O4 SO4 H . -1.10 -21.85 -1.17
C1 GOL I . 18.83 11.86 2.31
O1 GOL I . 19.77 10.79 2.11
C2 GOL I . 17.78 11.85 1.20
O2 GOL I . 17.07 10.60 1.21
C3 GOL I . 16.79 13.00 1.41
O3 GOL I . 15.81 12.99 0.37
C1 GOL J . 7.46 -2.07 -3.34
O1 GOL J . 8.14 -3.05 -2.53
C2 GOL J . 8.14 -0.69 -3.21
O2 GOL J . 9.51 -0.78 -3.62
C3 GOL J . 7.39 0.32 -4.09
O3 GOL J . 8.00 1.61 -3.98
C1 GOL K . -8.54 -4.57 -10.20
O1 GOL K . -8.41 -5.55 -11.23
C2 GOL K . -9.96 -3.99 -10.21
O2 GOL K . -10.90 -5.06 -10.01
C3 GOL K . -10.10 -2.95 -9.10
O3 GOL K . -11.41 -2.40 -9.09
C1 GOL L . 11.54 7.55 -9.12
O1 GOL L . 11.01 7.30 -10.43
C2 GOL L . 12.38 8.83 -9.14
O2 GOL L . 11.58 9.93 -9.57
C3 GOL L . 12.93 9.08 -7.73
O3 GOL L . 13.73 10.26 -7.73
#